data_4ZFC
#
_entry.id   4ZFC
#
_cell.length_a   47.652
_cell.length_b   49.156
_cell.length_c   83.476
_cell.angle_alpha   74.52
_cell.angle_beta   86.84
_cell.angle_gamma   69.09
#
_symmetry.space_group_name_H-M   'P 1'
#
loop_
_entity.id
_entity.type
_entity.pdbx_description
1 polymer 'Aldo-keto reductase family 1 member C3'
2 non-polymer 'NADP NICOTINAMIDE-ADENINE-DINUCLEOTIDE PHOSPHATE'
3 non-polymer N-[(3aR,6aS)-hexahydrocyclopenta[c]pyrrol-2(1H)-ylcarbamoyl]-4-methylbenzenesulfonamide
4 water water
#
_entity_poly.entity_id   1
_entity_poly.type   'polypeptide(L)'
_entity_poly.pdbx_seq_one_letter_code
;MDSKHQCVKLNDGHFMPVLGFGTYAPPEVPRSKALEVTKLAIEAGFRHIDSAHLYNNEEQVGLAIRSKIADGSVKREDIF
YTSKLWSTFHRPELVRPALENSLKKAQLDYVDLYLIHSPMSLKPGEELSPTDENGKVIFDIVDLCTTWEAMEKCKDAGLA
KSIGVSNFNRRQLEMILNKPGLKYKPVCNQVECHPYFNRSKLLDFCKSKDIVLVAYSALGSQRDKRWVDPNSPVLLEDPV
LCALAKKHKRTPALIALRYQLQRGVVVLAKSYNEQRIRQNVQVFEFQLTAEDMKAIDGLDRNLHYFNSDSFASHPNYPYS
DEY
;
_entity_poly.pdbx_strand_id   A,B
#
# COMPACT_ATOMS: atom_id res chain seq x y z
N GLN A 6 22.86 -6.40 -17.98
CA GLN A 6 22.01 -6.33 -19.22
C GLN A 6 21.36 -4.95 -19.26
N CYS A 7 22.20 -3.97 -19.50
CA CYS A 7 21.81 -2.55 -19.59
C CYS A 7 22.19 -1.91 -20.93
N VAL A 8 21.61 -0.76 -21.20
CA VAL A 8 22.03 0.07 -22.30
C VAL A 8 22.55 1.38 -21.72
N LYS A 9 23.59 1.94 -22.32
CA LYS A 9 24.08 3.25 -21.86
C LYS A 9 23.30 4.36 -22.49
N LEU A 10 22.71 5.22 -21.69
CA LEU A 10 21.91 6.33 -22.18
C LEU A 10 22.83 7.50 -22.62
N ASN A 11 22.29 8.44 -23.37
CA ASN A 11 23.07 9.56 -23.88
C ASN A 11 23.50 10.56 -22.79
N ASP A 12 23.12 10.38 -21.52
CA ASP A 12 23.61 11.23 -20.47
C ASP A 12 24.56 10.42 -19.60
N GLY A 13 24.98 9.27 -20.08
CA GLY A 13 25.96 8.42 -19.38
C GLY A 13 25.41 7.45 -18.33
N HIS A 14 24.13 7.55 -17.98
CA HIS A 14 23.50 6.59 -17.05
C HIS A 14 23.13 5.31 -17.77
N PHE A 15 22.80 4.27 -17.03
CA PHE A 15 22.60 2.90 -17.57
C PHE A 15 21.19 2.44 -17.26
N MET A 16 20.46 2.00 -18.27
CA MET A 16 19.08 1.50 -18.16
C MET A 16 19.01 0.02 -18.39
N PRO A 17 18.40 -0.73 -17.44
CA PRO A 17 18.24 -2.13 -17.76
C PRO A 17 17.30 -2.37 -18.95
N VAL A 18 17.63 -3.34 -19.81
CA VAL A 18 16.95 -3.54 -21.07
C VAL A 18 15.59 -4.19 -20.87
N LEU A 19 15.36 -4.85 -19.71
CA LEU A 19 14.06 -5.44 -19.39
C LEU A 19 13.46 -4.68 -18.19
N GLY A 20 12.25 -4.15 -18.37
CA GLY A 20 11.59 -3.37 -17.32
C GLY A 20 10.27 -3.97 -16.88
N PHE A 21 9.88 -3.70 -15.63
CA PHE A 21 8.66 -4.21 -15.08
C PHE A 21 7.56 -3.17 -15.16
N GLY A 22 6.46 -3.54 -15.82
CA GLY A 22 5.31 -2.68 -15.96
C GLY A 22 4.35 -2.80 -14.77
N THR A 23 3.97 -1.67 -14.16
CA THR A 23 3.25 -1.72 -12.89
C THR A 23 1.76 -1.35 -12.95
N TYR A 24 1.27 -0.91 -14.11
CA TYR A 24 -0.11 -0.40 -14.16
C TYR A 24 -1.02 -1.56 -14.03
N ALA A 25 -2.01 -1.40 -13.17
CA ALA A 25 -3.18 -2.31 -13.14
C ALA A 25 -4.44 -1.48 -13.01
N PRO A 26 -5.55 -1.96 -13.63
CA PRO A 26 -6.80 -1.20 -13.63
C PRO A 26 -7.38 -1.07 -12.24
N PRO A 27 -8.17 -0.02 -11.95
CA PRO A 27 -8.65 0.25 -10.58
C PRO A 27 -9.41 -0.86 -9.87
N GLU A 28 -9.91 -1.87 -10.57
CA GLU A 28 -10.56 -3.00 -9.89
C GLU A 28 -9.53 -3.88 -9.19
N VAL A 29 -8.24 -3.68 -9.45
CA VAL A 29 -7.24 -4.50 -8.77
C VAL A 29 -6.90 -3.74 -7.52
N PRO A 30 -7.08 -4.37 -6.35
CA PRO A 30 -6.77 -3.64 -5.11
C PRO A 30 -5.28 -3.15 -5.05
N ARG A 31 -5.08 -1.94 -4.53
CA ARG A 31 -3.80 -1.30 -4.52
C ARG A 31 -2.72 -2.09 -3.80
N SER A 32 -3.08 -2.97 -2.87
CA SER A 32 -2.06 -3.81 -2.24
C SER A 32 -1.36 -4.73 -3.25
N LYS A 33 -2.04 -5.06 -4.32
CA LYS A 33 -1.40 -6.00 -5.29
C LYS A 33 -0.06 -5.46 -5.90
N ALA A 34 -0.01 -4.17 -6.11
CA ALA A 34 1.16 -3.55 -6.74
C ALA A 34 2.35 -3.66 -5.85
N LEU A 35 2.13 -3.51 -4.54
CA LEU A 35 3.14 -3.75 -3.54
C LEU A 35 3.62 -5.21 -3.71
N GLU A 36 2.68 -6.17 -3.72
CA GLU A 36 3.07 -7.59 -3.69
C GLU A 36 3.83 -7.98 -4.91
N VAL A 37 3.29 -7.62 -6.07
CA VAL A 37 3.91 -8.05 -7.32
C VAL A 37 5.18 -7.31 -7.64
N THR A 38 5.36 -6.08 -7.15
CA THR A 38 6.61 -5.39 -7.35
C THR A 38 7.73 -6.07 -6.59
N LYS A 39 7.45 -6.51 -5.36
CA LYS A 39 8.34 -7.36 -4.63
C LYS A 39 8.64 -8.63 -5.43
N LEU A 40 7.63 -9.28 -5.93
CA LEU A 40 7.87 -10.48 -6.69
C LEU A 40 8.77 -10.21 -7.91
N ALA A 41 8.53 -9.09 -8.60
CA ALA A 41 9.36 -8.79 -9.82
C ALA A 41 10.81 -8.61 -9.40
N ILE A 42 11.02 -7.91 -8.31
CA ILE A 42 12.39 -7.70 -7.81
C ILE A 42 13.03 -9.05 -7.43
N GLU A 43 12.29 -9.89 -6.74
CA GLU A 43 12.74 -11.25 -6.38
C GLU A 43 13.11 -12.04 -7.60
N ALA A 44 12.27 -11.98 -8.62
CA ALA A 44 12.56 -12.65 -9.87
C ALA A 44 13.82 -12.13 -10.63
N GLY A 45 14.26 -10.89 -10.35
CA GLY A 45 15.36 -10.34 -11.13
C GLY A 45 15.14 -9.02 -11.87
N PHE A 46 13.92 -8.48 -11.85
CA PHE A 46 13.70 -7.23 -12.51
C PHE A 46 14.36 -6.16 -11.72
N ARG A 47 14.89 -5.17 -12.40
CA ARG A 47 15.59 -4.07 -11.76
C ARG A 47 15.12 -2.72 -12.23
N HIS A 48 14.57 -2.66 -13.45
CA HIS A 48 13.97 -1.49 -14.03
C HIS A 48 12.48 -1.63 -13.77
N ILE A 49 11.86 -0.59 -13.21
CA ILE A 49 10.47 -0.60 -12.77
C ILE A 49 9.78 0.70 -13.29
N ASP A 50 8.71 0.57 -14.05
CA ASP A 50 8.02 1.67 -14.70
C ASP A 50 6.69 1.98 -14.00
N SER A 51 6.58 3.19 -13.47
CA SER A 51 5.36 3.70 -12.93
C SER A 51 5.06 5.11 -13.48
N ALA A 52 4.15 5.81 -12.85
CA ALA A 52 3.67 7.10 -13.35
C ALA A 52 2.66 7.62 -12.33
N HIS A 53 2.57 8.95 -12.30
CA HIS A 53 1.57 9.61 -11.49
C HIS A 53 0.17 9.08 -11.86
N LEU A 54 -0.09 8.85 -13.14
CA LEU A 54 -1.38 8.44 -13.59
C LEU A 54 -1.83 7.10 -13.01
N TYR A 55 -0.89 6.25 -12.69
CA TYR A 55 -1.21 4.86 -12.40
C TYR A 55 -1.73 4.67 -10.94
N ASN A 56 -1.68 5.70 -10.14
CA ASN A 56 -2.19 5.66 -8.78
C ASN A 56 -1.59 4.48 -8.01
N ASN A 57 -0.24 4.39 -8.05
CA ASN A 57 0.48 3.26 -7.47
C ASN A 57 1.85 3.55 -7.00
N GLU A 58 2.29 4.79 -7.13
CA GLU A 58 3.64 5.10 -6.79
C GLU A 58 4.00 4.82 -5.32
N GLU A 59 3.02 4.97 -4.43
CA GLU A 59 3.23 4.70 -3.02
C GLU A 59 3.50 3.24 -2.77
N GLN A 60 2.69 2.38 -3.41
CA GLN A 60 2.85 0.92 -3.34
C GLN A 60 4.13 0.44 -4.01
N VAL A 61 4.44 0.97 -5.19
CA VAL A 61 5.66 0.55 -5.88
C VAL A 61 6.88 0.99 -5.06
N GLY A 62 6.79 2.20 -4.50
CA GLY A 62 7.91 2.73 -3.68
C GLY A 62 8.08 1.92 -2.41
N LEU A 63 6.99 1.50 -1.83
CA LEU A 63 7.07 0.68 -0.64
C LEU A 63 7.68 -0.72 -0.97
N ALA A 64 7.37 -1.28 -2.12
CA ALA A 64 8.00 -2.58 -2.51
C ALA A 64 9.50 -2.38 -2.59
N ILE A 65 9.92 -1.27 -3.17
CA ILE A 65 11.33 -1.03 -3.35
C ILE A 65 12.02 -0.88 -2.00
N ARG A 66 11.46 -0.06 -1.10
CA ARG A 66 12.00 0.13 0.29
C ARG A 66 12.02 -1.21 1.04
N SER A 67 10.95 -1.98 0.88
CA SER A 67 10.90 -3.27 1.49
C SER A 67 12.07 -4.19 1.01
N LYS A 68 12.36 -4.22 -0.30
CA LYS A 68 13.41 -5.08 -0.81
C LYS A 68 14.78 -4.54 -0.56
N ILE A 69 14.90 -3.26 -0.30
CA ILE A 69 16.17 -2.73 0.15
C ILE A 69 16.41 -3.11 1.64
N ALA A 70 15.38 -2.90 2.47
CA ALA A 70 15.47 -3.12 3.95
C ALA A 70 15.82 -4.55 4.29
N ASP A 71 15.36 -5.50 3.48
CA ASP A 71 15.62 -6.90 3.71
C ASP A 71 16.88 -7.36 3.05
N GLY A 72 17.66 -6.42 2.51
CA GLY A 72 18.95 -6.77 1.94
C GLY A 72 19.02 -7.41 0.56
N SER A 73 17.91 -7.55 -0.17
CA SER A 73 18.02 -8.11 -1.55
C SER A 73 18.66 -7.18 -2.54
N VAL A 74 18.44 -5.88 -2.40
CA VAL A 74 18.97 -4.90 -3.34
C VAL A 74 19.38 -3.64 -2.65
N LYS A 75 20.21 -2.86 -3.33
CA LYS A 75 20.50 -1.48 -2.91
C LYS A 75 19.72 -0.52 -3.80
N ARG A 76 19.48 0.69 -3.33
CA ARG A 76 18.84 1.71 -4.19
C ARG A 76 19.43 1.83 -5.57
N GLU A 77 20.74 1.83 -5.63
CA GLU A 77 21.39 2.09 -6.88
C GLU A 77 21.33 0.88 -7.82
N ASP A 78 20.84 -0.26 -7.34
CA ASP A 78 20.56 -1.39 -8.19
C ASP A 78 19.22 -1.30 -8.97
N ILE A 79 18.34 -0.42 -8.50
CA ILE A 79 16.99 -0.27 -9.01
C ILE A 79 16.98 0.92 -9.96
N PHE A 80 16.38 0.73 -11.13
CA PHE A 80 16.11 1.84 -12.03
C PHE A 80 14.60 2.14 -12.04
N TYR A 81 14.21 3.26 -11.42
CA TYR A 81 12.85 3.60 -11.22
C TYR A 81 12.41 4.77 -12.07
N THR A 82 11.34 4.54 -12.84
CA THR A 82 10.81 5.55 -13.74
C THR A 82 9.49 6.06 -13.26
N SER A 83 9.31 7.37 -13.24
CA SER A 83 7.99 7.95 -13.12
C SER A 83 7.68 8.88 -14.30
N LYS A 84 6.45 9.40 -14.37
CA LYS A 84 6.09 10.26 -15.48
C LYS A 84 5.20 11.43 -15.00
N LEU A 85 5.46 12.58 -15.61
CA LEU A 85 4.71 13.81 -15.45
C LEU A 85 3.42 13.70 -16.21
N TRP A 86 2.31 13.86 -15.52
CA TRP A 86 1.00 13.74 -16.17
C TRP A 86 0.72 15.06 -16.92
N SER A 87 -0.13 14.95 -17.95
CA SER A 87 -0.45 15.99 -18.91
C SER A 87 -1.17 17.24 -18.35
N THR A 88 -1.70 17.17 -17.15
CA THR A 88 -2.22 18.35 -16.43
C THR A 88 -1.14 19.21 -15.78
N PHE A 89 0.12 18.77 -15.85
CA PHE A 89 1.22 19.45 -15.17
C PHE A 89 2.32 19.89 -16.17
N HIS A 90 1.96 20.12 -17.41
CA HIS A 90 2.95 20.56 -18.41
C HIS A 90 3.42 22.00 -18.25
N ARG A 91 2.60 22.85 -17.64
CA ARG A 91 3.03 24.23 -17.51
C ARG A 91 4.32 24.20 -16.67
N PRO A 92 5.35 24.96 -17.05
CA PRO A 92 6.66 24.75 -16.46
C PRO A 92 6.69 24.87 -14.93
N GLU A 93 5.84 25.73 -14.37
CA GLU A 93 5.86 25.96 -12.94
C GLU A 93 5.33 24.76 -12.16
N LEU A 94 4.58 23.89 -12.85
CA LEU A 94 4.00 22.72 -12.23
C LEU A 94 4.87 21.48 -12.27
N VAL A 95 5.99 21.50 -12.96
CA VAL A 95 6.74 20.29 -13.25
C VAL A 95 7.52 19.78 -12.01
N ARG A 96 8.34 20.64 -11.43
CA ARG A 96 9.02 20.32 -10.18
C ARG A 96 8.12 19.84 -9.01
N PRO A 97 7.04 20.58 -8.65
CA PRO A 97 6.15 20.10 -7.64
C PRO A 97 5.50 18.76 -8.00
N ALA A 98 5.22 18.51 -9.27
CA ALA A 98 4.68 17.20 -9.65
C ALA A 98 5.71 16.09 -9.37
N LEU A 99 6.95 16.29 -9.73
CA LEU A 99 7.96 15.33 -9.40
C LEU A 99 8.19 15.12 -7.94
N GLU A 100 8.19 16.21 -7.18
CA GLU A 100 8.40 16.16 -5.71
C GLU A 100 7.29 15.40 -5.06
N ASN A 101 6.07 15.60 -5.52
CA ASN A 101 4.96 14.80 -5.03
C ASN A 101 5.11 13.25 -5.37
N SER A 102 5.46 12.90 -6.63
CA SER A 102 5.80 11.55 -6.97
C SER A 102 6.86 10.97 -5.98
N LEU A 103 7.93 11.74 -5.70
CA LEU A 103 8.99 11.30 -4.82
C LEU A 103 8.56 11.13 -3.40
N LYS A 104 7.75 12.06 -2.90
CA LYS A 104 7.14 11.92 -1.60
C LYS A 104 6.25 10.70 -1.51
N LYS A 105 5.44 10.46 -2.52
CA LYS A 105 4.56 9.33 -2.46
C LYS A 105 5.34 8.03 -2.39
N ALA A 106 6.37 7.93 -3.25
CA ALA A 106 7.14 6.72 -3.38
C ALA A 106 8.14 6.52 -2.22
N GLN A 107 8.34 7.60 -1.48
CA GLN A 107 9.46 7.73 -0.56
C GLN A 107 10.83 7.45 -1.14
N LEU A 108 11.13 8.07 -2.26
CA LEU A 108 12.43 8.03 -2.80
C LEU A 108 13.00 9.43 -2.77
N ASP A 109 14.32 9.51 -2.75
CA ASP A 109 15.01 10.79 -2.89
C ASP A 109 15.11 11.19 -4.35
N TYR A 110 15.17 10.22 -5.27
CA TYR A 110 15.18 10.52 -6.68
C TYR A 110 14.47 9.41 -7.52
N VAL A 111 14.11 9.77 -8.75
CA VAL A 111 13.79 8.82 -9.80
C VAL A 111 14.97 8.64 -10.68
N ASP A 112 15.11 7.44 -11.22
CA ASP A 112 16.14 7.23 -12.24
C ASP A 112 15.80 7.86 -13.54
N LEU A 113 14.51 8.03 -13.81
CA LEU A 113 14.09 8.53 -15.10
C LEU A 113 12.74 9.17 -14.89
N TYR A 114 12.59 10.40 -15.36
CA TYR A 114 11.32 11.07 -15.39
C TYR A 114 10.96 11.37 -16.84
N LEU A 115 9.72 11.08 -17.21
CA LEU A 115 9.28 11.28 -18.57
C LEU A 115 8.15 12.26 -18.65
N ILE A 116 8.06 12.97 -19.76
CA ILE A 116 6.81 13.60 -20.12
C ILE A 116 5.91 12.48 -20.59
N HIS A 117 4.83 12.22 -19.89
CA HIS A 117 4.00 11.05 -20.21
C HIS A 117 3.44 11.07 -21.64
N SER A 118 3.04 12.25 -22.10
CA SER A 118 2.34 12.41 -23.33
C SER A 118 2.46 13.84 -23.80
N PRO A 119 2.43 14.05 -25.12
CA PRO A 119 2.59 15.45 -25.54
C PRO A 119 1.28 16.16 -25.50
N MET A 120 0.19 15.44 -25.18
CA MET A 120 -1.16 16.03 -25.26
C MET A 120 -1.56 16.72 -23.96
N SER A 121 -1.28 17.99 -23.89
CA SER A 121 -1.48 18.79 -22.68
C SER A 121 -2.95 18.93 -22.31
N LEU A 122 -3.21 18.87 -21.02
CA LEU A 122 -4.55 19.00 -20.52
C LEU A 122 -4.58 20.12 -19.48
N LYS A 123 -5.78 20.59 -19.23
CA LYS A 123 -6.03 21.76 -18.42
C LYS A 123 -5.51 21.50 -17.01
N PRO A 124 -4.72 22.43 -16.45
CA PRO A 124 -4.19 22.29 -15.07
C PRO A 124 -5.30 22.18 -14.02
N GLY A 125 -5.08 21.42 -12.97
CA GLY A 125 -6.14 21.13 -12.01
C GLY A 125 -5.92 19.80 -11.34
N GLU A 126 -6.87 19.42 -10.51
CA GLU A 126 -6.69 18.21 -9.71
C GLU A 126 -7.30 17.01 -10.39
N GLU A 127 -8.20 17.22 -11.34
CA GLU A 127 -8.70 16.09 -12.12
C GLU A 127 -7.57 15.62 -13.04
N LEU A 128 -7.40 14.31 -13.15
CA LEU A 128 -6.50 13.73 -14.16
C LEU A 128 -7.06 13.95 -15.54
N SER A 129 -8.38 13.94 -15.62
CA SER A 129 -9.10 14.13 -16.84
C SER A 129 -10.15 15.23 -16.76
N PRO A 130 -9.71 16.47 -16.91
CA PRO A 130 -10.64 17.58 -16.70
C PRO A 130 -11.66 17.64 -17.83
N THR A 131 -12.92 17.86 -17.49
CA THR A 131 -13.96 17.95 -18.52
C THR A 131 -14.85 19.18 -18.28
N ASP A 132 -15.42 19.67 -19.38
CA ASP A 132 -16.21 20.86 -19.37
C ASP A 132 -17.67 20.47 -19.12
N GLU A 133 -18.55 21.46 -19.25
CA GLU A 133 -19.94 21.27 -18.91
C GLU A 133 -20.76 20.40 -19.90
N ASN A 134 -20.19 20.03 -21.04
CA ASN A 134 -20.73 18.95 -21.89
C ASN A 134 -19.95 17.67 -21.86
N GLY A 135 -19.22 17.42 -20.78
CA GLY A 135 -18.37 16.26 -20.68
C GLY A 135 -17.18 16.15 -21.64
N LYS A 136 -16.78 17.22 -22.33
CA LYS A 136 -15.67 17.13 -23.26
C LYS A 136 -14.39 17.34 -22.50
N VAL A 137 -13.33 16.60 -22.84
CA VAL A 137 -12.02 16.68 -22.16
C VAL A 137 -11.49 18.10 -22.47
N ILE A 138 -10.86 18.75 -21.49
CA ILE A 138 -10.34 20.11 -21.71
C ILE A 138 -8.84 20.05 -22.00
N PHE A 139 -8.48 20.34 -23.26
CA PHE A 139 -7.09 20.41 -23.68
C PHE A 139 -6.48 21.75 -23.19
N ASP A 140 -5.16 21.78 -23.09
CA ASP A 140 -4.40 22.97 -22.76
C ASP A 140 -3.41 23.14 -23.89
N ILE A 141 -2.98 24.38 -24.09
CA ILE A 141 -1.93 24.68 -25.01
C ILE A 141 -0.66 25.10 -24.28
N VAL A 142 0.38 24.32 -24.45
CA VAL A 142 1.66 24.54 -23.77
C VAL A 142 2.81 24.30 -24.76
N ASP A 143 3.76 25.23 -24.78
CA ASP A 143 5.00 24.99 -25.54
C ASP A 143 5.85 23.92 -24.81
N LEU A 144 5.92 22.72 -25.35
CA LEU A 144 6.60 21.64 -24.67
C LEU A 144 8.08 21.90 -24.52
N CYS A 145 8.64 22.79 -25.34
CA CYS A 145 10.01 23.21 -25.10
C CYS A 145 10.16 23.81 -23.72
N THR A 146 9.15 24.54 -23.23
CA THR A 146 9.23 25.14 -21.85
C THR A 146 9.13 24.03 -20.80
N THR A 147 8.21 23.10 -21.03
CA THR A 147 8.07 21.92 -20.16
C THR A 147 9.40 21.23 -20.03
N TRP A 148 10.05 21.04 -21.19
CA TRP A 148 11.33 20.36 -21.27
C TRP A 148 12.38 21.12 -20.48
N GLU A 149 12.41 22.44 -20.62
CA GLU A 149 13.36 23.23 -19.79
C GLU A 149 13.19 22.95 -18.30
N ALA A 150 11.96 22.83 -17.85
CA ALA A 150 11.69 22.56 -16.45
C ALA A 150 12.11 21.15 -16.11
N MET A 151 12.06 20.25 -17.11
CA MET A 151 12.54 18.89 -16.89
C MET A 151 14.06 18.87 -16.65
N GLU A 152 14.76 19.61 -17.50
CA GLU A 152 16.22 19.76 -17.38
C GLU A 152 16.59 20.29 -15.98
N LYS A 153 15.82 21.26 -15.49
CA LYS A 153 16.03 21.76 -14.15
C LYS A 153 15.82 20.71 -13.02
N CYS A 154 14.83 19.82 -13.21
CA CYS A 154 14.66 18.67 -12.31
C CYS A 154 15.90 17.78 -12.33
N LYS A 155 16.54 17.62 -13.48
CA LYS A 155 17.74 16.82 -13.55
C LYS A 155 18.90 17.50 -12.78
N ASP A 156 19.15 18.75 -13.11
CA ASP A 156 20.20 19.49 -12.42
C ASP A 156 19.98 19.51 -10.94
N ALA A 157 18.72 19.61 -10.50
CA ALA A 157 18.32 19.52 -9.10
C ALA A 157 18.52 18.15 -8.41
N GLY A 158 19.06 17.20 -9.16
CA GLY A 158 19.28 15.85 -8.72
C GLY A 158 18.03 15.00 -8.51
N LEU A 159 16.84 15.51 -8.80
CA LEU A 159 15.64 14.75 -8.48
C LEU A 159 15.32 13.67 -9.51
N ALA A 160 15.88 13.81 -10.71
CA ALA A 160 15.79 12.79 -11.77
C ALA A 160 17.16 12.58 -12.32
N LYS A 161 17.66 11.36 -12.29
CA LYS A 161 18.97 11.16 -12.82
C LYS A 161 18.96 11.36 -14.35
N SER A 162 17.86 10.96 -15.01
CA SER A 162 17.74 11.06 -16.42
C SER A 162 16.33 11.58 -16.77
N ILE A 163 16.19 12.25 -17.92
CA ILE A 163 14.88 12.73 -18.35
C ILE A 163 14.63 12.29 -19.76
N GLY A 164 13.35 12.08 -20.13
CA GLY A 164 13.02 11.62 -21.49
C GLY A 164 11.56 11.91 -21.76
N VAL A 165 11.02 11.32 -22.83
CA VAL A 165 9.67 11.58 -23.22
C VAL A 165 8.92 10.28 -23.48
N SER A 166 7.64 10.41 -23.75
CA SER A 166 6.81 9.24 -24.02
C SER A 166 5.67 9.67 -24.93
N ASN A 167 5.35 8.79 -25.87
CA ASN A 167 4.27 9.03 -26.86
C ASN A 167 4.56 10.21 -27.78
N PHE A 168 5.83 10.55 -27.95
CA PHE A 168 6.22 11.56 -28.95
C PHE A 168 6.41 10.95 -30.36
N ASN A 169 5.96 11.64 -31.40
CA ASN A 169 6.35 11.26 -32.77
C ASN A 169 7.66 11.96 -33.15
N ARG A 170 8.07 11.76 -34.39
CA ARG A 170 9.36 12.27 -34.82
C ARG A 170 9.41 13.82 -34.80
N ARG A 171 8.41 14.46 -35.37
CA ARG A 171 8.32 15.90 -35.37
C ARG A 171 8.40 16.48 -33.96
N GLN A 172 7.66 15.87 -33.04
CA GLN A 172 7.72 16.28 -31.65
C GLN A 172 9.13 16.10 -31.07
N LEU A 173 9.76 15.01 -31.32
CA LEU A 173 11.15 14.84 -30.86
C LEU A 173 12.12 15.89 -31.41
N GLU A 174 12.00 16.20 -32.68
CA GLU A 174 12.88 17.16 -33.32
C GLU A 174 12.70 18.56 -32.73
N MET A 175 11.48 18.90 -32.32
CA MET A 175 11.18 20.19 -31.71
C MET A 175 12.00 20.35 -30.43
N ILE A 176 12.12 19.27 -29.65
CA ILE A 176 13.01 19.28 -28.50
C ILE A 176 14.48 19.28 -28.95
N LEU A 177 14.86 18.43 -29.89
CA LEU A 177 16.25 18.30 -30.24
C LEU A 177 16.82 19.57 -30.88
N ASN A 178 15.97 20.36 -31.55
CA ASN A 178 16.38 21.57 -32.22
C ASN A 178 16.12 22.77 -31.33
N LYS A 179 15.80 22.56 -30.06
CA LYS A 179 15.46 23.70 -29.23
C LYS A 179 16.71 24.56 -29.04
N PRO A 180 16.61 25.90 -29.19
CA PRO A 180 17.81 26.74 -28.91
C PRO A 180 18.23 26.65 -27.43
N GLY A 181 19.49 26.35 -27.19
CA GLY A 181 19.99 26.30 -25.80
C GLY A 181 19.68 24.99 -25.09
N LEU A 182 19.34 23.96 -25.85
CA LEU A 182 19.07 22.63 -25.31
C LEU A 182 20.25 22.22 -24.45
N LYS A 183 19.98 21.80 -23.21
CA LYS A 183 21.01 21.26 -22.39
C LYS A 183 21.08 19.71 -22.38
N TYR A 184 19.95 19.03 -22.20
CA TYR A 184 19.91 17.54 -22.22
C TYR A 184 18.92 17.03 -23.21
N LYS A 185 19.43 16.18 -24.09
CA LYS A 185 18.62 15.42 -24.99
C LYS A 185 17.70 14.52 -24.20
N PRO A 186 16.50 14.24 -24.74
CA PRO A 186 15.77 13.12 -24.13
C PRO A 186 16.55 11.84 -24.19
N VAL A 187 16.65 11.10 -23.09
CA VAL A 187 17.33 9.82 -23.18
C VAL A 187 16.54 8.74 -23.89
N CYS A 188 15.22 8.86 -23.89
CA CYS A 188 14.41 7.84 -24.52
C CYS A 188 13.10 8.41 -24.96
N ASN A 189 12.39 7.59 -25.73
CA ASN A 189 11.01 7.84 -26.08
C ASN A 189 10.28 6.52 -25.83
N GLN A 190 9.44 6.52 -24.81
CA GLN A 190 8.61 5.41 -24.44
C GLN A 190 7.31 5.42 -25.22
N VAL A 191 7.14 4.41 -26.07
CA VAL A 191 6.06 4.38 -26.99
C VAL A 191 5.46 2.98 -27.09
N GLU A 192 4.26 2.91 -27.65
CA GLU A 192 3.64 1.60 -27.94
C GLU A 192 4.44 0.85 -28.94
N CYS A 193 4.78 -0.39 -28.67
CA CYS A 193 5.63 -1.09 -29.66
C CYS A 193 5.55 -2.57 -29.45
N HIS A 194 5.16 -3.27 -30.51
CA HIS A 194 4.97 -4.72 -30.51
C HIS A 194 4.97 -5.25 -32.01
N PRO A 195 4.88 -6.55 -32.21
CA PRO A 195 4.97 -7.03 -33.62
C PRO A 195 3.84 -6.58 -34.54
N TYR A 196 2.76 -6.10 -33.96
CA TYR A 196 1.69 -5.53 -34.75
C TYR A 196 1.82 -4.04 -34.97
N PHE A 197 2.89 -3.44 -34.43
CA PHE A 197 3.09 -2.02 -34.49
C PHE A 197 4.56 -1.81 -34.07
N ASN A 198 5.47 -2.13 -34.96
CA ASN A 198 6.85 -2.32 -34.60
C ASN A 198 7.67 -1.03 -34.58
N ARG A 199 7.04 0.05 -35.02
CA ARG A 199 7.64 1.38 -35.06
C ARG A 199 9.00 1.41 -35.73
N SER A 200 9.29 0.68 -36.83
CA SER A 200 10.69 0.60 -37.33
C SER A 200 11.19 1.96 -37.75
N LYS A 201 10.34 2.78 -38.34
CA LYS A 201 10.73 4.11 -38.79
C LYS A 201 11.16 5.00 -37.65
N LEU A 202 10.35 5.02 -36.60
CA LEU A 202 10.64 5.86 -35.43
C LEU A 202 11.87 5.30 -34.75
N LEU A 203 11.97 3.99 -34.74
CA LEU A 203 13.10 3.37 -34.09
C LEU A 203 14.42 3.79 -34.80
N ASP A 204 14.46 3.69 -36.12
CA ASP A 204 15.67 4.13 -36.84
C ASP A 204 15.96 5.62 -36.61
N PHE A 205 14.94 6.49 -36.62
CA PHE A 205 15.17 7.85 -36.19
C PHE A 205 15.77 7.97 -34.82
N CYS A 206 15.17 7.31 -33.83
CA CYS A 206 15.72 7.31 -32.48
C CYS A 206 17.15 6.84 -32.42
N LYS A 207 17.47 5.72 -33.09
CA LYS A 207 18.83 5.26 -33.14
C LYS A 207 19.78 6.35 -33.74
N SER A 208 19.39 7.00 -34.82
CA SER A 208 20.24 8.07 -35.41
C SER A 208 20.53 9.22 -34.48
N LYS A 209 19.68 9.44 -33.46
CA LYS A 209 19.88 10.48 -32.46
C LYS A 209 20.35 10.03 -31.04
N ASP A 210 20.85 8.81 -30.92
CA ASP A 210 21.22 8.24 -29.63
C ASP A 210 20.10 8.32 -28.57
N ILE A 211 18.88 8.08 -29.01
CA ILE A 211 17.70 8.05 -28.14
C ILE A 211 17.14 6.60 -28.11
N VAL A 212 16.92 6.10 -26.92
CA VAL A 212 16.51 4.73 -26.74
C VAL A 212 15.01 4.66 -26.93
N LEU A 213 14.55 3.68 -27.71
CA LEU A 213 13.13 3.50 -27.78
C LEU A 213 12.78 2.48 -26.72
N VAL A 214 11.79 2.82 -25.87
CA VAL A 214 11.30 1.93 -24.84
C VAL A 214 9.91 1.48 -25.26
N ALA A 215 9.73 0.18 -25.42
CA ALA A 215 8.45 -0.38 -25.84
C ALA A 215 7.42 -0.63 -24.73
N TYR A 216 6.21 -0.08 -24.83
CA TYR A 216 5.11 -0.56 -23.97
C TYR A 216 4.04 -1.27 -24.77
N SER A 217 3.13 -1.92 -24.06
CA SER A 217 2.18 -2.89 -24.64
C SER A 217 2.88 -3.94 -25.54
N ALA A 218 4.11 -4.30 -25.15
CA ALA A 218 4.94 -5.19 -25.95
C ALA A 218 4.33 -6.60 -26.01
N LEU A 219 3.48 -6.91 -25.04
CA LEU A 219 2.74 -8.17 -25.03
C LEU A 219 1.29 -8.04 -25.54
N GLY A 220 0.96 -6.93 -26.18
CA GLY A 220 -0.37 -6.79 -26.75
C GLY A 220 -1.36 -5.99 -25.95
N SER A 221 -0.86 -5.34 -24.88
CA SER A 221 -1.65 -4.53 -23.94
C SER A 221 -2.49 -5.35 -23.04
N GLN A 222 -3.12 -4.70 -22.06
CA GLN A 222 -4.07 -5.39 -21.18
C GLN A 222 -5.48 -5.46 -21.77
N ARG A 223 -5.71 -4.90 -22.94
CA ARG A 223 -7.01 -5.06 -23.62
C ARG A 223 -8.17 -4.57 -22.70
N ASP A 224 -7.94 -3.42 -22.07
CA ASP A 224 -8.87 -2.83 -21.13
C ASP A 224 -10.08 -2.36 -21.94
N LYS A 225 -11.25 -2.79 -21.52
CA LYS A 225 -12.47 -2.44 -22.24
C LYS A 225 -12.77 -0.97 -22.36
N ARG A 226 -12.17 -0.14 -21.52
CA ARG A 226 -12.35 1.29 -21.62
C ARG A 226 -11.51 1.97 -22.71
N TRP A 227 -10.44 1.34 -23.24
CA TRP A 227 -9.63 1.98 -24.33
C TRP A 227 -9.20 1.09 -25.50
N VAL A 228 -9.54 -0.19 -25.41
CA VAL A 228 -9.09 -1.14 -26.39
C VAL A 228 -10.28 -1.88 -27.00
N ASP A 229 -10.43 -1.74 -28.31
CA ASP A 229 -11.43 -2.47 -29.07
C ASP A 229 -11.35 -3.99 -28.85
N PRO A 230 -12.42 -4.60 -28.31
CA PRO A 230 -12.42 -6.04 -28.03
C PRO A 230 -12.26 -6.91 -29.28
N ASN A 231 -12.57 -6.36 -30.45
CA ASN A 231 -12.32 -6.98 -31.73
C ASN A 231 -10.91 -6.82 -32.28
N SER A 232 -10.00 -6.16 -31.56
CA SER A 232 -8.61 -6.10 -32.07
C SER A 232 -8.03 -7.50 -31.95
N PRO A 233 -7.18 -7.88 -32.87
CA PRO A 233 -6.54 -9.18 -32.72
C PRO A 233 -5.73 -9.25 -31.45
N VAL A 234 -5.78 -10.43 -30.81
CA VAL A 234 -4.99 -10.75 -29.63
C VAL A 234 -3.57 -11.07 -30.01
N LEU A 235 -2.63 -10.18 -29.67
CA LEU A 235 -1.26 -10.39 -30.14
C LEU A 235 -0.69 -11.76 -29.85
N LEU A 236 -0.80 -12.23 -28.62
CA LEU A 236 -0.13 -13.46 -28.27
C LEU A 236 -0.79 -14.72 -28.84
N GLU A 237 -1.84 -14.57 -29.65
CA GLU A 237 -2.42 -15.72 -30.36
C GLU A 237 -1.90 -15.70 -31.77
N ASP A 238 -1.02 -14.77 -32.09
CA ASP A 238 -0.54 -14.72 -33.46
C ASP A 238 0.12 -16.07 -33.82
N PRO A 239 -0.29 -16.64 -34.95
CA PRO A 239 0.25 -17.93 -35.32
C PRO A 239 1.77 -17.92 -35.68
N VAL A 240 2.32 -16.82 -36.19
CA VAL A 240 3.78 -16.80 -36.37
C VAL A 240 4.46 -16.81 -34.99
N LEU A 241 3.98 -15.99 -34.07
CA LEU A 241 4.51 -15.98 -32.70
C LEU A 241 4.35 -17.33 -32.00
N CYS A 242 3.20 -17.96 -32.13
CA CYS A 242 3.05 -19.29 -31.50
C CYS A 242 3.98 -20.36 -32.12
N ALA A 243 4.21 -20.28 -33.45
CA ALA A 243 5.06 -21.29 -34.11
C ALA A 243 6.50 -21.03 -33.77
N LEU A 244 6.91 -19.76 -33.66
CA LEU A 244 8.23 -19.52 -33.08
C LEU A 244 8.34 -20.02 -31.62
N ALA A 245 7.27 -19.89 -30.85
CA ALA A 245 7.34 -20.33 -29.47
C ALA A 245 7.55 -21.84 -29.47
N LYS A 246 6.77 -22.56 -30.25
CA LYS A 246 6.99 -24.01 -30.41
C LYS A 246 8.37 -24.34 -30.80
N LYS A 247 8.90 -23.64 -31.79
CA LYS A 247 10.20 -23.93 -32.31
C LYS A 247 11.21 -23.78 -31.26
N HIS A 248 11.15 -22.70 -30.49
CA HIS A 248 12.23 -22.48 -29.50
C HIS A 248 11.91 -23.12 -28.14
N LYS A 249 10.75 -23.74 -28.03
CA LYS A 249 10.23 -24.24 -26.76
C LYS A 249 10.21 -23.10 -25.75
N ARG A 250 9.49 -22.02 -26.06
CA ARG A 250 9.34 -20.90 -25.10
C ARG A 250 7.90 -20.56 -25.18
N THR A 251 7.50 -19.30 -24.98
CA THR A 251 6.11 -18.93 -25.05
C THR A 251 5.97 -17.73 -26.00
N PRO A 252 4.77 -17.42 -26.42
CA PRO A 252 4.70 -16.36 -27.37
C PRO A 252 5.10 -15.06 -26.72
N ALA A 253 4.82 -14.88 -25.42
CA ALA A 253 5.21 -13.67 -24.73
C ALA A 253 6.71 -13.53 -24.81
N LEU A 254 7.40 -14.64 -24.61
CA LEU A 254 8.86 -14.61 -24.63
C LEU A 254 9.44 -14.29 -25.98
N ILE A 255 8.77 -14.74 -27.02
CA ILE A 255 9.13 -14.37 -28.43
C ILE A 255 8.95 -12.84 -28.60
N ALA A 256 7.82 -12.30 -28.16
CA ALA A 256 7.56 -10.87 -28.32
C ALA A 256 8.56 -10.00 -27.60
N LEU A 257 8.93 -10.41 -26.39
CA LEU A 257 9.92 -9.68 -25.60
C LEU A 257 11.32 -9.78 -26.25
N ARG A 258 11.70 -10.98 -26.69
CA ARG A 258 13.03 -11.21 -27.23
C ARG A 258 13.25 -10.45 -28.54
N TYR A 259 12.19 -10.36 -29.32
CA TYR A 259 12.18 -9.61 -30.55
C TYR A 259 12.69 -8.20 -30.27
N GLN A 260 12.16 -7.58 -29.20
CA GLN A 260 12.51 -6.18 -28.98
C GLN A 260 13.96 -6.10 -28.60
N LEU A 261 14.39 -7.00 -27.74
CA LEU A 261 15.81 -6.92 -27.26
C LEU A 261 16.74 -7.03 -28.43
N GLN A 262 16.44 -7.86 -29.41
CA GLN A 262 17.46 -8.11 -30.48
C GLN A 262 17.41 -6.98 -31.47
N ARG A 263 16.39 -6.12 -31.43
CA ARG A 263 16.38 -4.96 -32.35
C ARG A 263 16.81 -3.66 -31.65
N GLY A 264 17.34 -3.80 -30.43
CA GLY A 264 17.87 -2.66 -29.73
C GLY A 264 16.84 -1.86 -29.03
N VAL A 265 15.66 -2.43 -28.80
CA VAL A 265 14.60 -1.76 -28.10
C VAL A 265 14.66 -2.22 -26.61
N VAL A 266 14.54 -1.29 -25.67
CA VAL A 266 14.34 -1.64 -24.25
C VAL A 266 12.85 -1.93 -24.08
N VAL A 267 12.52 -3.09 -23.46
CA VAL A 267 11.15 -3.58 -23.42
C VAL A 267 10.59 -3.73 -21.99
N LEU A 268 9.40 -3.22 -21.80
CA LEU A 268 8.55 -3.41 -20.59
C LEU A 268 7.62 -4.62 -20.74
N ALA A 269 7.26 -5.21 -19.58
CA ALA A 269 6.42 -6.34 -19.48
C ALA A 269 5.65 -6.24 -18.15
N LYS A 270 4.36 -6.06 -18.22
CA LYS A 270 3.50 -6.04 -17.04
C LYS A 270 3.00 -7.43 -16.80
N SER A 271 3.19 -7.92 -15.59
CA SER A 271 2.42 -9.10 -15.10
C SER A 271 2.15 -8.92 -13.62
N TYR A 272 0.90 -9.19 -13.20
CA TYR A 272 0.57 -9.34 -11.81
C TYR A 272 0.46 -10.84 -11.42
N ASN A 273 1.07 -11.73 -12.19
CA ASN A 273 1.02 -13.17 -11.90
C ASN A 273 2.41 -13.68 -11.63
N GLU A 274 2.60 -14.26 -10.45
CA GLU A 274 3.90 -14.73 -10.04
C GLU A 274 4.65 -15.58 -11.08
N GLN A 275 4.00 -16.59 -11.62
CA GLN A 275 4.67 -17.45 -12.61
C GLN A 275 4.98 -16.76 -13.94
N ARG A 276 4.13 -15.83 -14.35
CA ARG A 276 4.43 -15.11 -15.62
C ARG A 276 5.53 -14.09 -15.41
N ILE A 277 5.54 -13.46 -14.22
CA ILE A 277 6.64 -12.53 -13.86
C ILE A 277 8.02 -13.21 -13.97
N ARG A 278 8.10 -14.38 -13.34
CA ARG A 278 9.28 -15.19 -13.33
C ARG A 278 9.60 -15.72 -14.74
N GLN A 279 8.59 -16.11 -15.48
CA GLN A 279 8.83 -16.44 -16.89
C GLN A 279 9.47 -15.33 -17.73
N ASN A 280 9.01 -14.11 -17.57
CA ASN A 280 9.50 -13.07 -18.44
C ASN A 280 10.99 -12.83 -18.32
N VAL A 281 11.57 -13.08 -17.16
CA VAL A 281 13.02 -12.84 -17.03
C VAL A 281 13.82 -13.89 -17.83
N GLN A 282 13.21 -15.00 -18.21
CA GLN A 282 13.87 -16.02 -19.08
C GLN A 282 14.13 -15.53 -20.52
N VAL A 283 13.78 -14.27 -20.81
CA VAL A 283 14.02 -13.70 -22.13
C VAL A 283 15.48 -13.71 -22.42
N PHE A 284 16.31 -13.61 -21.38
CA PHE A 284 17.75 -13.58 -21.57
C PHE A 284 18.27 -14.96 -21.85
N GLU A 285 17.47 -16.02 -21.86
CA GLU A 285 18.06 -17.36 -22.00
C GLU A 285 18.17 -17.94 -23.40
N PHE A 286 17.63 -17.28 -24.41
CA PHE A 286 17.58 -17.86 -25.76
C PHE A 286 17.67 -16.72 -26.78
N GLN A 287 17.91 -17.06 -28.03
CA GLN A 287 17.94 -16.09 -29.11
C GLN A 287 17.18 -16.46 -30.36
N LEU A 288 16.58 -15.46 -30.98
CA LEU A 288 15.87 -15.64 -32.23
C LEU A 288 16.93 -15.53 -33.34
N THR A 289 16.76 -16.27 -34.44
CA THR A 289 17.64 -16.18 -35.64
C THR A 289 17.26 -14.97 -36.47
N ALA A 290 18.16 -14.52 -37.33
CA ALA A 290 17.88 -13.37 -38.18
C ALA A 290 16.64 -13.65 -38.97
N GLU A 291 16.42 -14.91 -39.36
CA GLU A 291 15.25 -15.24 -40.16
C GLU A 291 13.98 -15.22 -39.30
N ASP A 292 14.11 -15.59 -38.03
CA ASP A 292 12.99 -15.45 -37.09
C ASP A 292 12.59 -13.96 -36.98
N MET A 293 13.60 -13.11 -36.94
CA MET A 293 13.40 -11.71 -36.67
C MET A 293 12.70 -11.06 -37.89
N LYS A 294 13.15 -11.41 -39.07
CA LYS A 294 12.45 -11.01 -40.29
C LYS A 294 11.04 -11.50 -40.36
N ALA A 295 10.79 -12.73 -39.92
CA ALA A 295 9.44 -13.24 -39.86
C ALA A 295 8.53 -12.35 -38.97
N ILE A 296 9.04 -11.98 -37.80
CA ILE A 296 8.31 -11.12 -36.90
C ILE A 296 8.13 -9.68 -37.45
N ASP A 297 9.19 -9.15 -38.05
CA ASP A 297 9.12 -7.86 -38.72
C ASP A 297 7.94 -7.83 -39.75
N GLY A 298 7.65 -8.94 -40.38
CA GLY A 298 6.51 -9.01 -41.31
C GLY A 298 5.14 -8.87 -40.74
N LEU A 299 5.02 -8.97 -39.40
CA LEU A 299 3.69 -8.96 -38.78
C LEU A 299 2.99 -7.56 -38.59
N ASP A 300 3.71 -6.52 -38.87
CA ASP A 300 3.26 -5.16 -38.49
C ASP A 300 1.97 -4.86 -39.22
N ARG A 301 1.01 -4.31 -38.51
CA ARG A 301 -0.19 -3.85 -39.11
C ARG A 301 -0.68 -2.53 -38.64
N ASN A 302 0.23 -1.71 -38.19
CA ASN A 302 -0.04 -0.37 -37.79
C ASN A 302 -1.17 -0.33 -36.80
N LEU A 303 -1.17 -1.31 -35.89
CA LEU A 303 -2.26 -1.47 -34.97
C LEU A 303 -1.88 -0.90 -33.65
N HIS A 304 -2.59 0.14 -33.21
CA HIS A 304 -2.38 0.58 -31.86
C HIS A 304 -3.51 0.19 -30.94
N TYR A 305 -3.20 -0.49 -29.83
CA TYR A 305 -4.24 -1.04 -29.02
C TYR A 305 -5.07 0.06 -28.34
N PHE A 306 -4.41 1.13 -27.94
CA PHE A 306 -5.07 2.30 -27.33
C PHE A 306 -5.78 3.13 -28.33
N ASN A 307 -7.07 3.33 -28.13
CA ASN A 307 -7.84 4.35 -28.86
C ASN A 307 -8.68 5.23 -27.99
N SER A 308 -8.69 6.50 -28.30
CA SER A 308 -9.67 7.41 -27.75
C SER A 308 -9.90 8.49 -28.81
N ASP A 309 -11.16 8.60 -29.21
CA ASP A 309 -11.54 9.47 -30.30
C ASP A 309 -11.31 10.91 -29.92
N SER A 310 -11.48 11.21 -28.63
CA SER A 310 -11.27 12.58 -28.13
C SER A 310 -9.81 12.95 -28.27
N PHE A 311 -8.91 12.10 -27.78
CA PHE A 311 -7.49 12.38 -27.89
C PHE A 311 -7.06 12.56 -29.36
N ALA A 312 -7.75 11.94 -30.30
CA ALA A 312 -7.40 12.08 -31.73
C ALA A 312 -7.50 13.51 -32.28
N SER A 313 -8.41 14.31 -31.73
CA SER A 313 -8.55 15.73 -32.12
C SER A 313 -7.51 16.68 -31.48
N HIS A 314 -6.85 16.23 -30.42
CA HIS A 314 -5.86 17.06 -29.75
C HIS A 314 -4.78 17.47 -30.75
N PRO A 315 -4.41 18.79 -30.81
CA PRO A 315 -3.34 19.30 -31.71
C PRO A 315 -2.02 18.55 -31.65
N ASN A 316 -1.70 17.96 -30.50
CA ASN A 316 -0.49 17.18 -30.35
C ASN A 316 -0.67 15.68 -30.42
N TYR A 317 -1.83 15.22 -30.86
CA TYR A 317 -2.08 13.80 -30.98
C TYR A 317 -0.91 13.24 -31.78
N PRO A 318 -0.19 12.25 -31.22
CA PRO A 318 1.01 11.86 -31.90
C PRO A 318 0.81 11.07 -33.17
N TYR A 319 -0.33 10.43 -33.36
CA TYR A 319 -0.52 9.64 -34.59
C TYR A 319 -1.22 10.46 -35.74
N SER A 320 -1.21 11.80 -35.64
CA SER A 320 -1.62 12.71 -36.76
C SER A 320 -0.77 12.48 -38.03
N MET B 1 12.36 -6.43 21.98
CA MET B 1 11.35 -7.50 21.82
C MET B 1 12.09 -8.84 21.82
N ASP B 2 11.46 -9.86 22.35
CA ASP B 2 12.03 -11.21 22.38
C ASP B 2 12.11 -11.74 20.92
N SER B 3 13.28 -12.18 20.47
CA SER B 3 13.44 -12.65 19.06
C SER B 3 12.71 -13.99 18.73
N LYS B 4 12.23 -14.69 19.75
CA LYS B 4 11.44 -15.91 19.57
C LYS B 4 9.97 -15.57 19.39
N HIS B 5 9.60 -14.32 19.62
CA HIS B 5 8.25 -13.90 19.46
C HIS B 5 7.98 -13.59 17.99
N GLN B 6 6.88 -14.09 17.43
CA GLN B 6 6.53 -13.78 16.09
C GLN B 6 6.00 -12.33 16.11
N CYS B 7 6.68 -11.46 15.37
CA CYS B 7 6.40 -10.01 15.36
C CYS B 7 6.26 -9.55 13.95
N VAL B 8 5.65 -8.38 13.76
CA VAL B 8 5.57 -7.74 12.47
C VAL B 8 6.32 -6.43 12.68
N LYS B 9 7.07 -6.06 11.66
CA LYS B 9 7.80 -4.83 11.64
C LYS B 9 6.91 -3.67 11.28
N LEU B 10 6.85 -2.65 12.12
CA LEU B 10 6.02 -1.51 11.90
C LEU B 10 6.72 -0.49 10.99
N ASN B 11 5.92 0.42 10.39
CA ASN B 11 6.47 1.40 9.46
C ASN B 11 7.44 2.42 10.11
N ASP B 12 7.56 2.42 11.44
CA ASP B 12 8.58 3.22 12.10
C ASP B 12 9.77 2.40 12.54
N GLY B 13 9.89 1.13 12.13
CA GLY B 13 11.02 0.34 12.47
C GLY B 13 10.84 -0.51 13.75
N HIS B 14 9.91 -0.19 14.64
CA HIS B 14 9.71 -1.00 15.87
C HIS B 14 9.01 -2.29 15.54
N PHE B 15 9.06 -3.26 16.43
CA PHE B 15 8.44 -4.56 16.23
C PHE B 15 7.25 -4.83 17.20
N MET B 16 6.17 -5.39 16.66
CA MET B 16 4.98 -5.66 17.39
C MET B 16 4.71 -7.15 17.34
N PRO B 17 4.54 -7.80 18.48
CA PRO B 17 4.10 -9.17 18.52
C PRO B 17 2.72 -9.34 17.92
N VAL B 18 2.54 -10.45 17.19
CA VAL B 18 1.34 -10.62 16.40
C VAL B 18 0.19 -11.09 17.20
N LEU B 19 0.45 -11.68 18.38
CA LEU B 19 -0.65 -12.02 19.28
C LEU B 19 -0.61 -11.09 20.46
N GLY B 20 -1.73 -10.42 20.76
CA GLY B 20 -1.83 -9.55 21.94
C GLY B 20 -2.82 -9.97 22.99
N PHE B 21 -2.56 -9.62 24.25
CA PHE B 21 -3.52 -9.90 25.34
C PHE B 21 -4.52 -8.77 25.60
N GLY B 22 -5.83 -9.02 25.51
CA GLY B 22 -6.82 -7.95 25.70
C GLY B 22 -7.18 -7.88 27.19
N THR B 23 -7.11 -6.69 27.77
CA THR B 23 -7.26 -6.51 29.23
C THR B 23 -8.55 -5.95 29.74
N TYR B 24 -9.50 -5.59 28.86
CA TYR B 24 -10.75 -4.98 29.29
C TYR B 24 -11.64 -6.01 29.91
N ALA B 25 -12.15 -5.64 31.10
CA ALA B 25 -13.18 -6.37 31.79
C ALA B 25 -14.19 -5.37 32.27
N PRO B 26 -15.47 -5.76 32.27
CA PRO B 26 -16.51 -4.81 32.67
C PRO B 26 -16.46 -4.55 34.20
N PRO B 27 -17.10 -3.45 34.68
CA PRO B 27 -16.93 -2.95 36.07
C PRO B 27 -17.34 -3.90 37.20
N GLU B 28 -18.25 -4.83 36.95
CA GLU B 28 -18.55 -5.88 37.91
C GLU B 28 -17.36 -6.77 38.20
N VAL B 29 -16.32 -6.75 37.36
CA VAL B 29 -15.18 -7.62 37.65
C VAL B 29 -14.26 -6.82 38.54
N PRO B 30 -13.86 -7.37 39.66
CA PRO B 30 -13.04 -6.50 40.56
C PRO B 30 -11.69 -6.17 39.96
N ARG B 31 -11.22 -4.96 40.23
CA ARG B 31 -10.02 -4.41 39.57
C ARG B 31 -8.77 -5.23 39.79
N SER B 32 -8.71 -5.96 40.91
CA SER B 32 -7.61 -6.85 41.18
C SER B 32 -7.46 -8.00 40.16
N LYS B 33 -8.54 -8.40 39.53
CA LYS B 33 -8.45 -9.43 38.53
C LYS B 33 -7.52 -9.11 37.39
N ALA B 34 -7.46 -7.85 36.96
CA ALA B 34 -6.61 -7.45 35.86
C ALA B 34 -5.15 -7.71 36.17
N LEU B 35 -4.80 -7.47 37.41
CA LEU B 35 -3.44 -7.73 37.83
C LEU B 35 -3.17 -9.25 37.72
N GLU B 36 -4.04 -10.08 38.30
CA GLU B 36 -3.85 -11.57 38.31
C GLU B 36 -3.77 -12.12 36.89
N VAL B 37 -4.73 -11.76 36.05
CA VAL B 37 -4.77 -12.32 34.70
C VAL B 37 -3.68 -11.83 33.77
N THR B 38 -3.27 -10.58 33.89
CA THR B 38 -2.17 -10.11 33.08
C THR B 38 -0.85 -10.81 33.43
N LYS B 39 -0.63 -11.09 34.70
CA LYS B 39 0.48 -11.97 35.13
C LYS B 39 0.34 -13.35 34.52
N LEU B 40 -0.86 -13.95 34.56
CA LEU B 40 -1.06 -15.29 33.98
C LEU B 40 -0.81 -15.27 32.46
N ALA B 41 -1.21 -14.19 31.79
CA ALA B 41 -1.03 -14.08 30.34
C ALA B 41 0.43 -14.03 29.97
N ILE B 42 1.20 -13.29 30.76
CA ILE B 42 2.63 -13.19 30.50
C ILE B 42 3.31 -14.54 30.77
N GLU B 43 2.84 -15.20 31.78
CA GLU B 43 3.37 -16.48 32.15
C GLU B 43 3.11 -17.51 31.06
N ALA B 44 1.96 -17.41 30.45
CA ALA B 44 1.60 -18.32 29.37
C ALA B 44 2.37 -18.03 28.11
N GLY B 45 2.91 -16.83 27.98
CA GLY B 45 3.66 -16.45 26.78
C GLY B 45 3.20 -15.19 26.00
N PHE B 46 2.15 -14.52 26.43
CA PHE B 46 1.79 -13.22 25.83
C PHE B 46 2.87 -12.17 26.14
N ARG B 47 3.23 -11.42 25.11
CA ARG B 47 4.19 -10.32 25.26
C ARG B 47 3.63 -8.96 24.86
N HIS B 48 2.54 -8.94 24.10
CA HIS B 48 1.84 -7.70 23.64
C HIS B 48 0.62 -7.64 24.53
N ILE B 49 0.43 -6.49 25.18
CA ILE B 49 -0.64 -6.30 26.15
C ILE B 49 -1.35 -5.02 25.82
N ASP B 50 -2.67 -5.13 25.62
CA ASP B 50 -3.51 -4.02 25.18
C ASP B 50 -4.36 -3.46 26.32
N SER B 51 -4.12 -2.19 26.61
CA SER B 51 -4.94 -1.47 27.62
C SER B 51 -5.43 -0.11 27.05
N ALA B 52 -5.97 0.73 27.92
CA ALA B 52 -6.46 2.02 27.56
C ALA B 52 -6.87 2.82 28.80
N HIS B 53 -6.87 4.15 28.67
CA HIS B 53 -7.38 5.01 29.74
C HIS B 53 -8.79 4.58 30.06
N LEU B 54 -9.59 4.27 29.04
CA LEU B 54 -10.99 3.92 29.26
C LEU B 54 -11.19 2.69 30.12
N TYR B 55 -10.20 1.78 30.18
CA TYR B 55 -10.46 0.44 30.78
C TYR B 55 -10.40 0.52 32.30
N ASN B 56 -9.95 1.64 32.85
CA ASN B 56 -9.83 1.78 34.28
C ASN B 56 -9.01 0.64 34.91
N ASN B 57 -7.91 0.27 34.25
CA ASN B 57 -7.09 -0.83 34.74
C ASN B 57 -5.58 -0.62 34.53
N GLU B 58 -5.20 0.58 34.16
CA GLU B 58 -3.79 0.78 33.83
C GLU B 58 -2.89 0.59 35.06
N GLU B 59 -3.32 1.02 36.23
CA GLU B 59 -2.53 0.71 37.43
C GLU B 59 -2.25 -0.83 37.58
N GLN B 60 -3.27 -1.66 37.50
CA GLN B 60 -3.14 -3.12 37.70
C GLN B 60 -2.37 -3.80 36.57
N VAL B 61 -2.64 -3.37 35.37
CA VAL B 61 -1.96 -3.94 34.24
C VAL B 61 -0.46 -3.57 34.35
N GLY B 62 -0.19 -2.32 34.70
CA GLY B 62 1.18 -1.88 34.95
C GLY B 62 1.84 -2.65 36.12
N LEU B 63 1.11 -2.91 37.21
CA LEU B 63 1.65 -3.79 38.26
C LEU B 63 2.10 -5.17 37.74
N ALA B 64 1.31 -5.72 36.81
CA ALA B 64 1.54 -7.08 36.36
C ALA B 64 2.81 -7.13 35.53
N ILE B 65 2.99 -6.09 34.72
CA ILE B 65 4.22 -5.97 33.99
C ILE B 65 5.47 -5.85 34.90
N ARG B 66 5.47 -4.92 35.84
CA ARG B 66 6.50 -4.77 36.84
C ARG B 66 6.76 -6.04 37.64
N SER B 67 5.70 -6.81 37.92
CA SER B 67 5.81 -8.02 38.69
C SER B 67 6.61 -9.03 37.88
N LYS B 68 6.33 -9.14 36.60
CA LYS B 68 6.98 -10.19 35.80
C LYS B 68 8.39 -9.78 35.40
N ILE B 69 8.68 -8.52 35.50
CA ILE B 69 10.03 -8.04 35.37
C ILE B 69 10.82 -8.21 36.71
N ALA B 70 10.23 -7.79 37.82
CA ALA B 70 10.86 -7.96 39.12
C ALA B 70 11.22 -9.42 39.42
N ASP B 71 10.33 -10.34 39.08
CA ASP B 71 10.59 -11.75 39.38
C ASP B 71 11.60 -12.41 38.40
N GLY B 72 12.09 -11.67 37.41
CA GLY B 72 13.07 -12.16 36.46
C GLY B 72 12.52 -12.87 35.23
N SER B 73 11.20 -12.93 35.03
CA SER B 73 10.69 -13.69 33.91
C SER B 73 10.90 -12.97 32.57
N VAL B 74 10.82 -11.63 32.58
CA VAL B 74 11.02 -10.74 31.40
C VAL B 74 11.72 -9.46 31.74
N LYS B 75 12.29 -8.83 30.71
CA LYS B 75 12.71 -7.45 30.73
C LYS B 75 11.63 -6.52 30.14
N ARG B 76 11.71 -5.25 30.50
CA ARG B 76 10.76 -4.26 29.95
C ARG B 76 10.74 -4.35 28.42
N GLU B 77 11.91 -4.47 27.81
CA GLU B 77 11.97 -4.46 26.34
C GLU B 77 11.37 -5.74 25.70
N ASP B 78 11.07 -6.80 26.47
CA ASP B 78 10.33 -7.99 25.96
C ASP B 78 8.83 -7.78 25.91
N ILE B 79 8.35 -6.69 26.47
CA ILE B 79 6.89 -6.51 26.59
C ILE B 79 6.54 -5.41 25.65
N PHE B 80 5.45 -5.56 24.89
CA PHE B 80 4.94 -4.49 24.02
C PHE B 80 3.62 -4.00 24.65
N TYR B 81 3.66 -2.82 25.26
CA TYR B 81 2.48 -2.31 25.96
C TYR B 81 1.79 -1.16 25.24
N THR B 82 0.48 -1.30 25.07
CA THR B 82 -0.28 -0.31 24.37
C THR B 82 -1.25 0.36 25.32
N SER B 83 -1.38 1.68 25.23
CA SER B 83 -2.50 2.38 25.83
C SER B 83 -3.11 3.29 24.80
N LYS B 84 -4.19 3.95 25.16
CA LYS B 84 -4.97 4.70 24.22
C LYS B 84 -5.44 5.98 24.85
N LEU B 85 -5.50 7.00 24.01
CA LEU B 85 -6.01 8.33 24.38
C LEU B 85 -7.50 8.36 24.26
N TRP B 86 -8.19 8.66 25.35
CA TRP B 86 -9.62 8.62 25.30
C TRP B 86 -10.14 9.91 24.61
N SER B 87 -11.35 9.85 24.10
CA SER B 87 -11.92 10.83 23.23
C SER B 87 -12.22 12.18 23.89
N THR B 88 -12.17 12.27 25.20
CA THR B 88 -12.34 13.55 25.87
C THR B 88 -11.04 14.31 25.95
N PHE B 89 -9.97 13.71 25.40
CA PHE B 89 -8.65 14.28 25.40
C PHE B 89 -8.09 14.49 24.02
N HIS B 90 -8.94 14.60 23.00
CA HIS B 90 -8.45 14.88 21.67
C HIS B 90 -7.86 16.27 21.51
N ARG B 91 -8.27 17.25 22.33
CA ARG B 91 -7.71 18.57 21.99
C ARG B 91 -6.21 18.57 22.25
N PRO B 92 -5.44 19.19 21.36
CA PRO B 92 -4.00 18.88 21.36
C PRO B 92 -3.25 19.11 22.67
N GLU B 93 -3.65 20.14 23.42
CA GLU B 93 -2.91 20.47 24.65
C GLU B 93 -3.19 19.43 25.70
N LEU B 94 -4.27 18.66 25.54
CA LEU B 94 -4.60 17.61 26.52
C LEU B 94 -3.87 16.26 26.25
N VAL B 95 -3.25 16.16 25.09
CA VAL B 95 -2.81 14.84 24.59
C VAL B 95 -1.61 14.36 25.43
N ARG B 96 -0.58 15.19 25.51
CA ARG B 96 0.62 14.80 26.24
C ARG B 96 0.36 14.56 27.77
N PRO B 97 -0.43 15.43 28.43
CA PRO B 97 -0.76 15.11 29.80
C PRO B 97 -1.56 13.84 29.95
N ALA B 98 -2.48 13.58 29.04
CA ALA B 98 -3.22 12.31 29.18
C ALA B 98 -2.27 11.08 29.08
N LEU B 99 -1.27 11.17 28.24
CA LEU B 99 -0.30 10.08 28.13
C LEU B 99 0.53 9.96 29.41
N GLU B 100 0.91 11.11 29.96
CA GLU B 100 1.76 11.14 31.17
C GLU B 100 1.00 10.59 32.32
N ASN B 101 -0.28 10.84 32.34
CA ASN B 101 -1.08 10.27 33.37
C ASN B 101 -1.19 8.72 33.24
N SER B 102 -1.38 8.24 32.02
CA SER B 102 -1.34 6.77 31.74
C SER B 102 -0.02 6.13 32.20
N LEU B 103 1.08 6.80 31.88
CA LEU B 103 2.42 6.36 32.27
C LEU B 103 2.58 6.27 33.78
N LYS B 104 2.15 7.32 34.48
CA LYS B 104 2.18 7.38 35.93
C LYS B 104 1.35 6.25 36.59
N LYS B 105 0.14 6.08 36.11
CA LYS B 105 -0.67 5.00 36.59
C LYS B 105 -0.02 3.63 36.38
N ALA B 106 0.57 3.40 35.21
CA ALA B 106 1.13 2.07 34.92
C ALA B 106 2.55 1.98 35.49
N GLN B 107 3.07 3.11 35.95
CA GLN B 107 4.46 3.28 36.39
C GLN B 107 5.39 2.70 35.37
N LEU B 108 5.30 3.21 34.14
CA LEU B 108 6.21 2.90 33.09
C LEU B 108 6.79 4.18 32.65
N ASP B 109 7.96 4.12 32.04
CA ASP B 109 8.61 5.29 31.47
C ASP B 109 8.04 5.58 30.08
N TYR B 110 7.65 4.53 29.36
CA TYR B 110 7.14 4.72 27.99
C TYR B 110 6.07 3.69 27.69
N VAL B 111 5.25 3.97 26.70
CA VAL B 111 4.38 2.92 26.18
C VAL B 111 5.02 2.53 24.87
N ASP B 112 4.85 1.27 24.49
CA ASP B 112 5.31 0.86 23.17
C ASP B 112 4.39 1.41 22.06
N LEU B 113 3.13 1.61 22.40
CA LEU B 113 2.16 2.07 21.42
C LEU B 113 1.15 2.93 22.05
N TYR B 114 0.98 4.12 21.49
CA TYR B 114 -0.13 4.99 21.90
C TYR B 114 -1.07 5.20 20.77
N LEU B 115 -2.38 4.98 21.01
CA LEU B 115 -3.42 5.09 19.99
C LEU B 115 -4.41 6.15 20.30
N ILE B 116 -4.89 6.79 19.26
CA ILE B 116 -6.14 7.52 19.35
C ILE B 116 -7.23 6.45 19.41
N HIS B 117 -7.98 6.36 20.52
CA HIS B 117 -8.86 5.27 20.77
C HIS B 117 -10.02 5.28 19.74
N SER B 118 -10.48 6.45 19.42
CA SER B 118 -11.65 6.62 18.56
C SER B 118 -11.64 8.00 17.88
N PRO B 119 -12.15 8.09 16.62
CA PRO B 119 -12.22 9.39 15.97
C PRO B 119 -13.34 10.25 16.50
N MET B 120 -14.18 9.73 17.38
CA MET B 120 -15.38 10.47 17.78
C MET B 120 -15.09 11.33 19.03
N SER B 121 -14.79 12.60 18.84
CA SER B 121 -14.39 13.41 19.95
C SER B 121 -15.51 13.69 20.86
N LEU B 122 -15.18 13.77 22.15
CA LEU B 122 -16.16 14.17 23.18
C LEU B 122 -15.75 15.38 24.01
N LYS B 123 -16.74 15.95 24.70
CA LYS B 123 -16.53 17.17 25.48
C LYS B 123 -15.47 16.96 26.57
N PRO B 124 -14.52 17.88 26.68
CA PRO B 124 -13.45 17.72 27.67
C PRO B 124 -14.05 17.78 29.06
N GLY B 125 -13.39 17.17 30.01
CA GLY B 125 -13.96 17.05 31.33
C GLY B 125 -13.47 15.78 31.98
N GLU B 126 -13.94 15.57 33.19
CA GLU B 126 -13.45 14.44 33.96
C GLU B 126 -14.35 13.25 33.76
N GLU B 127 -15.52 13.46 33.18
CA GLU B 127 -16.39 12.32 32.82
C GLU B 127 -15.80 11.61 31.59
N LEU B 128 -15.91 10.28 31.56
CA LEU B 128 -15.54 9.49 30.40
C LEU B 128 -16.60 9.63 29.33
N SER B 129 -17.84 9.67 29.77
CA SER B 129 -18.95 9.87 28.89
C SER B 129 -19.79 11.11 29.30
N PRO B 130 -19.32 12.32 28.93
CA PRO B 130 -20.01 13.47 29.50
C PRO B 130 -21.38 13.54 28.89
N THR B 131 -22.42 13.69 29.71
CA THR B 131 -23.81 13.74 29.20
C THR B 131 -24.48 15.07 29.62
N ASP B 132 -25.37 15.63 28.78
CA ASP B 132 -26.14 16.85 29.13
C ASP B 132 -27.23 16.55 30.18
N GLU B 133 -27.99 17.56 30.57
CA GLU B 133 -29.06 17.39 31.60
C GLU B 133 -30.06 16.26 31.28
N ASN B 134 -30.41 16.09 30.00
CA ASN B 134 -31.35 15.05 29.55
C ASN B 134 -30.71 13.68 29.29
N GLY B 135 -29.54 13.40 29.85
CA GLY B 135 -28.83 12.14 29.58
C GLY B 135 -28.27 11.94 28.16
N LYS B 136 -28.05 13.02 27.40
CA LYS B 136 -27.49 12.93 26.04
C LYS B 136 -25.99 13.15 26.05
N VAL B 137 -25.28 12.24 25.38
CA VAL B 137 -23.80 12.31 25.34
C VAL B 137 -23.32 13.56 24.60
N ILE B 138 -22.28 14.23 25.09
CA ILE B 138 -21.93 15.48 24.44
C ILE B 138 -20.66 15.40 23.55
N PHE B 139 -20.86 15.57 22.23
CA PHE B 139 -19.74 15.54 21.27
C PHE B 139 -18.95 16.82 21.32
N ASP B 140 -17.74 16.74 20.81
CA ASP B 140 -16.86 17.90 20.62
C ASP B 140 -16.41 17.84 19.19
N ILE B 141 -15.95 18.97 18.66
CA ILE B 141 -15.46 19.08 17.32
C ILE B 141 -13.97 19.40 17.34
N VAL B 142 -13.12 18.53 16.77
CA VAL B 142 -11.68 18.73 16.88
C VAL B 142 -11.06 18.28 15.57
N ASP B 143 -10.17 19.10 15.04
CA ASP B 143 -9.39 18.70 13.92
C ASP B 143 -8.40 17.60 14.36
N LEU B 144 -8.67 16.40 13.91
CA LEU B 144 -7.88 15.24 14.36
C LEU B 144 -6.45 15.32 13.86
N CYS B 145 -6.17 16.11 12.81
CA CYS B 145 -4.77 16.31 12.42
C CYS B 145 -3.97 17.05 13.50
N THR B 146 -4.61 17.90 14.31
CA THR B 146 -3.91 18.55 15.43
C THR B 146 -3.78 17.59 16.60
N THR B 147 -4.78 16.75 16.84
CA THR B 147 -4.56 15.61 17.73
C THR B 147 -3.31 14.80 17.31
N TRP B 148 -3.19 14.52 16.04
CA TRP B 148 -2.13 13.71 15.53
C TRP B 148 -0.77 14.39 15.72
N GLU B 149 -0.70 15.69 15.45
CA GLU B 149 0.55 16.42 15.67
C GLU B 149 1.02 16.30 17.14
N ALA B 150 0.12 16.42 18.06
CA ALA B 150 0.44 16.24 19.51
C ALA B 150 0.89 14.81 19.76
N MET B 151 0.36 13.83 19.02
CA MET B 151 0.84 12.45 19.18
C MET B 151 2.28 12.32 18.62
N GLU B 152 2.55 12.94 17.49
CA GLU B 152 3.89 12.90 16.97
C GLU B 152 4.90 13.48 17.99
N LYS B 153 4.54 14.56 18.66
CA LYS B 153 5.43 15.13 19.63
C LYS B 153 5.66 14.17 20.79
N CYS B 154 4.63 13.39 21.15
CA CYS B 154 4.82 12.34 22.18
C CYS B 154 5.89 11.28 21.75
N LYS B 155 5.92 10.93 20.48
CA LYS B 155 6.90 9.98 20.01
C LYS B 155 8.29 10.64 20.02
N ASP B 156 8.33 11.92 19.63
CA ASP B 156 9.60 12.68 19.63
C ASP B 156 10.18 12.82 21.05
N ALA B 157 9.31 12.98 22.04
CA ALA B 157 9.72 13.04 23.41
C ALA B 157 10.04 11.68 24.00
N GLY B 158 9.95 10.59 23.23
CA GLY B 158 10.22 9.23 23.76
C GLY B 158 9.22 8.63 24.74
N LEU B 159 8.06 9.26 24.93
CA LEU B 159 6.99 8.73 25.78
C LEU B 159 6.18 7.58 25.14
N ALA B 160 6.12 7.57 23.80
CA ALA B 160 5.53 6.47 23.06
C ALA B 160 6.54 6.06 22.00
N LYS B 161 6.86 4.78 21.92
CA LYS B 161 7.78 4.32 20.92
C LYS B 161 7.16 4.41 19.54
N SER B 162 5.88 4.02 19.46
CA SER B 162 5.09 4.10 18.25
C SER B 162 3.73 4.71 18.50
N ILE B 163 3.11 5.28 17.45
CA ILE B 163 1.83 5.87 17.61
C ILE B 163 0.88 5.38 16.55
N GLY B 164 -0.41 5.34 16.89
CA GLY B 164 -1.36 4.74 15.93
C GLY B 164 -2.74 5.23 16.15
N VAL B 165 -3.68 4.62 15.45
CA VAL B 165 -5.14 4.96 15.60
C VAL B 165 -6.00 3.72 15.79
N SER B 166 -7.24 3.93 16.09
CA SER B 166 -8.17 2.85 16.33
C SER B 166 -9.57 3.33 15.99
N ASN B 167 -10.35 2.41 15.41
CA ASN B 167 -11.70 2.70 14.91
C ASN B 167 -11.81 3.76 13.80
N PHE B 168 -10.74 3.98 13.05
CA PHE B 168 -10.75 4.91 11.88
C PHE B 168 -11.22 4.13 10.68
N ASN B 169 -11.98 4.81 9.82
CA ASN B 169 -12.27 4.28 8.50
C ASN B 169 -11.25 4.81 7.53
N ARG B 170 -11.34 4.39 6.28
CA ARG B 170 -10.41 4.79 5.23
C ARG B 170 -10.34 6.31 5.05
N ARG B 171 -11.46 7.01 5.03
CA ARG B 171 -11.46 8.49 4.79
C ARG B 171 -10.71 9.12 5.95
N GLN B 172 -10.95 8.64 7.17
CA GLN B 172 -10.27 9.21 8.33
C GLN B 172 -8.74 8.93 8.38
N LEU B 173 -8.33 7.73 7.96
CA LEU B 173 -6.93 7.44 7.77
C LEU B 173 -6.33 8.37 6.72
N GLU B 174 -6.95 8.51 5.55
CA GLU B 174 -6.41 9.37 4.48
C GLU B 174 -6.22 10.79 4.92
N MET B 175 -7.15 11.30 5.69
CA MET B 175 -6.97 12.57 6.35
C MET B 175 -5.61 12.75 7.09
N ILE B 176 -5.22 11.74 7.85
CA ILE B 176 -3.96 11.82 8.58
C ILE B 176 -2.89 11.62 7.54
N LEU B 177 -3.05 10.64 6.66
CA LEU B 177 -1.98 10.31 5.71
C LEU B 177 -1.64 11.48 4.77
N ASN B 178 -2.64 12.27 4.39
CA ASN B 178 -2.47 13.36 3.42
C ASN B 178 -2.19 14.70 4.08
N LYS B 179 -1.96 14.71 5.39
CA LYS B 179 -1.86 16.00 6.05
C LYS B 179 -0.51 16.68 5.70
N PRO B 180 -0.53 18.01 5.49
CA PRO B 180 0.77 18.66 5.19
C PRO B 180 1.67 18.57 6.38
N GLY B 181 2.94 18.28 6.14
CA GLY B 181 3.92 18.26 7.21
C GLY B 181 3.86 16.99 8.08
N LEU B 182 3.06 16.01 7.67
CA LEU B 182 3.09 14.69 8.29
C LEU B 182 4.49 14.27 8.64
N LYS B 183 4.72 13.94 9.93
CA LYS B 183 5.99 13.40 10.31
C LYS B 183 5.99 11.87 10.47
N TYR B 184 4.98 11.35 11.18
CA TYR B 184 4.84 9.91 11.35
C TYR B 184 3.44 9.39 10.93
N LYS B 185 3.43 8.45 10.01
CA LYS B 185 2.21 7.70 9.69
C LYS B 185 1.72 6.92 10.95
N PRO B 186 0.43 6.70 11.08
CA PRO B 186 0.01 5.70 12.08
C PRO B 186 0.62 4.35 11.78
N VAL B 187 1.06 3.65 12.80
CA VAL B 187 1.63 2.33 12.56
C VAL B 187 0.52 1.30 12.40
N CYS B 188 -0.69 1.60 12.87
CA CYS B 188 -1.75 0.60 12.86
C CYS B 188 -3.08 1.25 12.96
N ASN B 189 -4.11 0.50 12.64
CA ASN B 189 -5.48 0.87 12.90
C ASN B 189 -6.15 -0.31 13.62
N GLN B 190 -6.47 -0.12 14.89
CA GLN B 190 -7.04 -1.19 15.70
C GLN B 190 -8.53 -1.10 15.57
N VAL B 191 -9.11 -2.13 15.01
CA VAL B 191 -10.51 -2.14 14.61
C VAL B 191 -11.20 -3.50 14.92
N GLU B 192 -12.53 -3.50 14.95
CA GLU B 192 -13.30 -4.74 15.12
C GLU B 192 -13.01 -5.61 13.89
N CYS B 193 -12.57 -6.81 14.11
CA CYS B 193 -12.27 -7.73 13.01
C CYS B 193 -12.38 -9.18 13.46
N HIS B 194 -13.20 -9.91 12.72
CA HIS B 194 -13.45 -11.33 12.99
C HIS B 194 -14.07 -11.96 11.77
N PRO B 195 -14.31 -13.28 11.78
CA PRO B 195 -14.85 -13.87 10.53
C PRO B 195 -16.22 -13.37 10.10
N TYR B 196 -16.97 -12.81 10.99
CA TYR B 196 -18.27 -12.20 10.60
C TYR B 196 -18.15 -10.76 10.15
N PHE B 197 -16.95 -10.17 10.26
CA PHE B 197 -16.75 -8.77 9.82
C PHE B 197 -15.25 -8.69 9.57
N ASN B 198 -14.82 -9.18 8.42
CA ASN B 198 -13.40 -9.55 8.30
C ASN B 198 -12.55 -8.38 7.79
N ARG B 199 -13.23 -7.28 7.42
CA ARG B 199 -12.63 -6.04 7.01
C ARG B 199 -11.71 -6.13 5.80
N SER B 200 -11.98 -7.05 4.87
CA SER B 200 -10.98 -7.32 3.83
C SER B 200 -10.61 -6.07 3.03
N LYS B 201 -11.57 -5.19 2.80
CA LYS B 201 -11.24 -3.96 2.10
C LYS B 201 -10.36 -3.01 2.88
N LEU B 202 -10.68 -2.78 4.13
CA LEU B 202 -9.85 -1.93 4.96
C LEU B 202 -8.50 -2.56 5.17
N LEU B 203 -8.44 -3.87 5.27
CA LEU B 203 -7.15 -4.55 5.42
C LEU B 203 -6.31 -4.28 4.19
N ASP B 204 -6.88 -4.42 3.00
CA ASP B 204 -6.13 -4.17 1.78
C ASP B 204 -5.61 -2.73 1.70
N PHE B 205 -6.45 -1.77 2.08
CA PHE B 205 -6.05 -0.38 2.14
C PHE B 205 -4.91 -0.21 3.12
N CYS B 206 -5.04 -0.78 4.32
CA CYS B 206 -3.98 -0.62 5.30
C CYS B 206 -2.72 -1.20 4.77
N LYS B 207 -2.78 -2.38 4.18
CA LYS B 207 -1.53 -2.99 3.67
C LYS B 207 -0.93 -2.12 2.56
N SER B 208 -1.76 -1.50 1.74
CA SER B 208 -1.21 -0.59 0.68
C SER B 208 -0.51 0.68 1.19
N LYS B 209 -0.77 1.06 2.44
CA LYS B 209 -0.19 2.21 3.02
C LYS B 209 0.86 1.88 4.11
N ASP B 210 1.22 0.62 4.24
CA ASP B 210 2.21 0.19 5.26
C ASP B 210 1.66 0.43 6.69
N ILE B 211 0.36 0.17 6.84
CA ILE B 211 -0.34 0.23 8.15
C ILE B 211 -0.86 -1.13 8.54
N VAL B 212 -0.52 -1.55 9.76
CA VAL B 212 -0.96 -2.86 10.29
C VAL B 212 -2.43 -2.75 10.77
N LEU B 213 -3.26 -3.73 10.43
CA LEU B 213 -4.59 -3.78 10.98
C LEU B 213 -4.48 -4.63 12.23
N VAL B 214 -4.99 -4.11 13.35
CA VAL B 214 -5.00 -4.88 14.59
C VAL B 214 -6.45 -5.20 14.93
N ALA B 215 -6.76 -6.49 15.13
CA ALA B 215 -8.12 -6.92 15.32
C ALA B 215 -8.48 -6.98 16.80
N TYR B 216 -9.60 -6.33 17.18
CA TYR B 216 -10.29 -6.62 18.42
C TYR B 216 -11.63 -7.30 18.18
N SER B 217 -12.17 -7.88 19.26
CA SER B 217 -13.36 -8.70 19.25
C SER B 217 -13.15 -9.84 18.24
N ALA B 218 -11.91 -10.29 18.13
CA ALA B 218 -11.56 -11.37 17.21
C ALA B 218 -12.22 -12.65 17.59
N LEU B 219 -12.69 -12.74 18.85
CA LEU B 219 -13.40 -13.92 19.34
C LEU B 219 -14.91 -13.70 19.46
N GLY B 220 -15.40 -12.64 18.87
CA GLY B 220 -16.83 -12.45 18.92
C GLY B 220 -17.35 -11.42 19.88
N SER B 221 -16.42 -10.78 20.58
CA SER B 221 -16.70 -9.76 21.62
C SER B 221 -17.03 -10.39 22.96
N GLN B 222 -17.05 -9.58 24.02
CA GLN B 222 -17.53 -10.04 25.30
C GLN B 222 -19.06 -10.00 25.41
N ARG B 223 -19.77 -9.56 24.36
CA ARG B 223 -21.24 -9.68 24.30
C ARG B 223 -21.93 -8.97 25.48
N ASP B 224 -21.34 -7.83 25.82
CA ASP B 224 -21.81 -6.99 26.91
C ASP B 224 -23.18 -6.42 26.57
N LYS B 225 -24.11 -6.60 27.49
CA LYS B 225 -25.48 -6.13 27.27
C LYS B 225 -25.58 -4.65 27.03
N ARG B 226 -24.65 -3.88 27.50
CA ARG B 226 -24.76 -2.45 27.23
C ARG B 226 -24.50 -2.06 25.76
N TRP B 227 -23.79 -2.89 24.99
CA TRP B 227 -23.48 -2.53 23.62
C TRP B 227 -23.62 -3.59 22.57
N VAL B 228 -24.02 -4.80 22.95
CA VAL B 228 -24.10 -5.91 22.01
C VAL B 228 -25.47 -6.54 22.02
N ASP B 229 -26.08 -6.63 20.85
CA ASP B 229 -27.37 -7.27 20.74
C ASP B 229 -27.26 -8.75 21.19
N PRO B 230 -28.03 -9.15 22.21
CA PRO B 230 -28.05 -10.55 22.66
C PRO B 230 -28.48 -11.58 21.61
N ASN B 231 -29.15 -11.19 20.56
CA ASN B 231 -29.58 -12.10 19.49
C ASN B 231 -28.55 -12.19 18.43
N SER B 232 -27.49 -11.39 18.50
CA SER B 232 -26.49 -11.55 17.50
C SER B 232 -25.96 -13.02 17.53
N PRO B 233 -25.62 -13.57 16.37
CA PRO B 233 -25.05 -14.91 16.43
C PRO B 233 -23.77 -14.93 17.21
N VAL B 234 -23.60 -16.00 18.01
CA VAL B 234 -22.38 -16.20 18.82
C VAL B 234 -21.27 -16.71 17.88
N LEU B 235 -20.24 -15.89 17.66
CA LEU B 235 -19.22 -16.26 16.72
C LEU B 235 -18.65 -17.68 16.95
N LEU B 236 -18.33 -17.99 18.18
CA LEU B 236 -17.62 -19.23 18.44
C LEU B 236 -18.51 -20.48 18.31
N GLU B 237 -19.79 -20.28 18.04
CA GLU B 237 -20.71 -21.39 17.76
C GLU B 237 -20.87 -21.55 16.27
N ASP B 238 -20.14 -20.79 15.45
CA ASP B 238 -20.34 -20.91 14.05
C ASP B 238 -19.98 -22.34 13.62
N PRO B 239 -20.76 -22.90 12.71
CA PRO B 239 -20.56 -24.33 12.34
C PRO B 239 -19.34 -24.58 11.51
N VAL B 240 -18.97 -23.63 10.66
CA VAL B 240 -17.73 -23.74 9.94
C VAL B 240 -16.53 -23.64 10.86
N LEU B 241 -16.55 -22.70 11.82
CA LEU B 241 -15.47 -22.64 12.81
C LEU B 241 -15.42 -23.89 13.65
N CYS B 242 -16.56 -24.46 14.00
CA CYS B 242 -16.56 -25.70 14.78
C CYS B 242 -16.03 -26.90 13.99
N ALA B 243 -16.37 -26.98 12.73
CA ALA B 243 -15.87 -28.12 11.90
C ALA B 243 -14.36 -27.95 11.62
N LEU B 244 -13.89 -26.71 11.53
CA LEU B 244 -12.47 -26.51 11.36
C LEU B 244 -11.74 -26.87 12.63
N ALA B 245 -12.34 -26.57 13.79
CA ALA B 245 -11.70 -26.87 15.09
C ALA B 245 -11.55 -28.42 15.21
N LYS B 246 -12.62 -29.16 14.90
CA LYS B 246 -12.58 -30.64 14.85
C LYS B 246 -11.55 -31.13 13.86
N LYS B 247 -11.50 -30.54 12.67
CA LYS B 247 -10.55 -30.98 11.67
C LYS B 247 -9.17 -30.90 12.26
N HIS B 248 -8.87 -29.77 12.93
CA HIS B 248 -7.49 -29.55 13.37
C HIS B 248 -7.23 -30.00 14.82
N LYS B 249 -8.22 -30.59 15.49
CA LYS B 249 -8.15 -30.89 16.93
C LYS B 249 -7.78 -29.64 17.72
N ARG B 250 -8.40 -28.51 17.41
CA ARG B 250 -8.20 -27.29 18.20
C ARG B 250 -9.56 -26.86 18.73
N THR B 251 -9.77 -25.55 18.95
CA THR B 251 -11.06 -25.01 19.34
C THR B 251 -11.44 -23.95 18.37
N PRO B 252 -12.72 -23.60 18.35
CA PRO B 252 -13.11 -22.52 17.49
C PRO B 252 -12.36 -21.20 17.71
N ALA B 253 -12.05 -20.85 18.96
CA ALA B 253 -11.30 -19.64 19.27
C ALA B 253 -9.94 -19.71 18.62
N LEU B 254 -9.24 -20.83 18.75
CA LEU B 254 -7.93 -21.00 18.08
C LEU B 254 -8.03 -20.86 16.57
N ILE B 255 -9.16 -21.34 16.00
CA ILE B 255 -9.40 -21.13 14.56
C ILE B 255 -9.53 -19.67 14.26
N ALA B 256 -10.27 -18.93 15.06
CA ALA B 256 -10.53 -17.53 14.75
C ALA B 256 -9.25 -16.68 14.84
N LEU B 257 -8.36 -17.05 15.77
CA LEU B 257 -7.10 -16.33 16.01
C LEU B 257 -6.12 -16.61 14.87
N ARG B 258 -6.03 -17.88 14.51
CA ARG B 258 -5.10 -18.28 13.50
C ARG B 258 -5.46 -17.71 12.17
N TYR B 259 -6.76 -17.65 11.87
CA TYR B 259 -7.24 -16.96 10.65
C TYR B 259 -6.64 -15.57 10.48
N GLN B 260 -6.68 -14.76 11.53
CA GLN B 260 -6.11 -13.43 11.42
C GLN B 260 -4.61 -13.47 11.16
N LEU B 261 -3.89 -14.29 11.91
CA LEU B 261 -2.45 -14.40 11.72
C LEU B 261 -2.09 -14.73 10.32
N GLN B 262 -2.86 -15.60 9.67
CA GLN B 262 -2.49 -16.02 8.34
C GLN B 262 -2.90 -15.00 7.28
N ARG B 263 -3.74 -14.05 7.61
CA ARG B 263 -4.01 -13.02 6.62
C ARG B 263 -3.22 -11.72 6.87
N GLY B 264 -2.24 -11.79 7.74
CA GLY B 264 -1.36 -10.60 8.05
C GLY B 264 -2.01 -9.57 9.01
N VAL B 265 -2.91 -10.04 9.84
CA VAL B 265 -3.55 -9.21 10.86
C VAL B 265 -2.92 -9.57 12.22
N VAL B 266 -2.62 -8.56 13.04
CA VAL B 266 -2.20 -8.74 14.44
C VAL B 266 -3.50 -8.88 15.18
N VAL B 267 -3.58 -9.88 16.04
CA VAL B 267 -4.80 -10.21 16.66
C VAL B 267 -4.77 -10.14 18.18
N LEU B 268 -5.75 -9.54 18.76
CA LEU B 268 -5.94 -9.56 20.23
C LEU B 268 -6.90 -10.65 20.69
N ALA B 269 -6.71 -11.07 21.95
CA ALA B 269 -7.55 -11.99 22.62
C ALA B 269 -7.66 -11.71 24.08
N LYS B 270 -8.86 -11.43 24.54
CA LYS B 270 -9.11 -11.21 25.97
C LYS B 270 -9.62 -12.45 26.58
N SER B 271 -9.06 -12.82 27.72
CA SER B 271 -9.67 -13.85 28.54
C SER B 271 -9.25 -13.56 30.00
N TYR B 272 -10.21 -13.68 30.91
CA TYR B 272 -9.93 -13.59 32.30
C TYR B 272 -9.96 -15.00 32.90
N ASN B 273 -9.89 -16.02 32.08
CA ASN B 273 -9.91 -17.38 32.53
C ASN B 273 -8.54 -18.03 32.34
N GLU B 274 -7.94 -18.54 33.44
CA GLU B 274 -6.58 -19.08 33.37
C GLU B 274 -6.43 -20.11 32.24
N GLN B 275 -7.38 -21.05 32.14
CA GLN B 275 -7.23 -22.12 31.17
C GLN B 275 -7.29 -21.59 29.74
N ARG B 276 -8.19 -20.64 29.53
CA ARG B 276 -8.38 -20.11 28.19
C ARG B 276 -7.24 -19.21 27.78
N ILE B 277 -6.66 -18.49 28.72
CA ILE B 277 -5.43 -17.74 28.46
C ILE B 277 -4.30 -18.68 27.92
N ARG B 278 -4.09 -19.80 28.62
CA ARG B 278 -3.04 -20.74 28.33
C ARG B 278 -3.33 -21.44 27.01
N GLN B 279 -4.61 -21.67 26.70
CA GLN B 279 -5.02 -22.21 25.43
C GLN B 279 -4.67 -21.27 24.23
N ASN B 280 -5.01 -19.99 24.35
CA ASN B 280 -4.92 -19.08 23.23
C ASN B 280 -3.54 -18.99 22.68
N VAL B 281 -2.51 -19.17 23.49
CA VAL B 281 -1.15 -19.12 22.95
C VAL B 281 -0.84 -20.35 22.09
N GLN B 282 -1.70 -21.35 22.07
CA GLN B 282 -1.47 -22.46 21.15
C GLN B 282 -1.75 -22.13 19.69
N VAL B 283 -2.10 -20.87 19.41
CA VAL B 283 -2.42 -20.45 18.08
C VAL B 283 -1.20 -20.68 17.23
N PHE B 284 -0.01 -20.64 17.81
CA PHE B 284 1.23 -20.79 17.03
C PHE B 284 1.62 -22.28 16.70
N GLU B 285 0.86 -23.25 17.20
CA GLU B 285 1.22 -24.66 17.09
C GLU B 285 0.65 -25.35 15.83
N PHE B 286 -0.13 -24.63 15.00
CA PHE B 286 -0.81 -25.26 13.85
C PHE B 286 -1.06 -24.24 12.73
N GLN B 287 -1.37 -24.74 11.54
CA GLN B 287 -1.64 -23.91 10.40
C GLN B 287 -2.99 -24.25 9.75
N LEU B 288 -3.62 -23.25 9.19
CA LEU B 288 -4.82 -23.48 8.41
C LEU B 288 -4.43 -23.65 6.95
N THR B 289 -5.12 -24.49 6.20
CA THR B 289 -4.79 -24.62 4.77
C THR B 289 -5.35 -23.43 4.02
N ALA B 290 -4.90 -23.21 2.79
CA ALA B 290 -5.45 -22.16 1.95
C ALA B 290 -6.99 -22.34 1.77
N GLU B 291 -7.43 -23.58 1.61
CA GLU B 291 -8.84 -23.85 1.56
C GLU B 291 -9.58 -23.57 2.88
N ASP B 292 -8.97 -23.88 4.03
CA ASP B 292 -9.57 -23.54 5.31
C ASP B 292 -9.76 -22.01 5.36
N MET B 293 -8.75 -21.29 4.89
CA MET B 293 -8.77 -19.83 4.97
C MET B 293 -9.93 -19.31 4.09
N LYS B 294 -10.08 -19.82 2.88
CA LYS B 294 -11.20 -19.37 2.07
C LYS B 294 -12.55 -19.72 2.67
N ALA B 295 -12.66 -20.88 3.35
CA ALA B 295 -13.92 -21.19 4.04
C ALA B 295 -14.27 -20.10 5.10
N ILE B 296 -13.29 -19.75 5.91
CA ILE B 296 -13.46 -18.70 6.91
C ILE B 296 -13.80 -17.34 6.28
N ASP B 297 -13.06 -16.94 5.22
CA ASP B 297 -13.42 -15.79 4.39
C ASP B 297 -14.90 -15.76 4.03
N GLY B 298 -15.45 -16.94 3.74
CA GLY B 298 -16.85 -17.07 3.34
C GLY B 298 -17.88 -16.76 4.38
N LEU B 299 -17.45 -16.54 5.63
CA LEU B 299 -18.34 -16.25 6.67
C LEU B 299 -18.67 -14.79 6.82
N ASP B 300 -17.96 -13.94 6.10
CA ASP B 300 -18.15 -12.51 6.31
C ASP B 300 -19.60 -12.09 6.12
N ARG B 301 -20.18 -11.36 7.05
CA ARG B 301 -21.55 -10.97 6.88
C ARG B 301 -21.80 -9.56 7.35
N ASN B 302 -20.76 -8.76 7.30
CA ASN B 302 -20.87 -7.36 7.69
C ASN B 302 -21.46 -7.18 9.09
N LEU B 303 -21.10 -8.00 10.06
CA LEU B 303 -21.77 -7.92 11.36
C LEU B 303 -20.87 -7.33 12.39
N HIS B 304 -21.23 -6.16 12.93
CA HIS B 304 -20.43 -5.62 14.02
C HIS B 304 -21.14 -5.76 15.30
N TYR B 305 -20.44 -6.32 16.28
CA TYR B 305 -21.04 -6.59 17.58
C TYR B 305 -21.33 -5.32 18.40
N PHE B 306 -20.44 -4.34 18.35
CA PHE B 306 -20.71 -3.06 19.05
C PHE B 306 -21.71 -2.23 18.29
N ASN B 307 -22.74 -1.76 18.98
CA ASN B 307 -23.70 -0.79 18.40
C ASN B 307 -24.07 0.27 19.37
N SER B 308 -24.29 1.48 18.89
CA SER B 308 -24.86 2.54 19.72
C SER B 308 -25.53 3.57 18.84
N ASP B 309 -26.86 3.61 18.93
CA ASP B 309 -27.71 4.68 18.38
C ASP B 309 -27.12 6.07 18.49
N SER B 310 -26.62 6.39 19.69
CA SER B 310 -26.12 7.73 20.00
C SER B 310 -24.84 8.07 19.21
N PHE B 311 -23.85 7.17 19.30
CA PHE B 311 -22.58 7.33 18.57
C PHE B 311 -22.77 7.31 17.04
N ALA B 312 -23.77 6.56 16.55
CA ALA B 312 -24.17 6.56 15.12
C ALA B 312 -24.38 7.96 14.47
N SER B 313 -24.82 8.95 15.26
CA SER B 313 -25.00 10.38 14.85
C SER B 313 -23.73 11.23 14.81
N HIS B 314 -22.67 10.76 15.47
CA HIS B 314 -21.43 11.53 15.54
C HIS B 314 -20.93 11.78 14.15
N PRO B 315 -20.54 13.02 13.86
CA PRO B 315 -20.05 13.29 12.51
C PRO B 315 -18.89 12.39 12.11
N ASN B 316 -18.19 11.78 13.09
CA ASN B 316 -17.03 10.89 12.86
C ASN B 316 -17.30 9.42 13.05
N TYR B 317 -18.58 9.05 13.07
CA TYR B 317 -19.01 7.71 13.22
C TYR B 317 -18.31 6.92 12.12
N PRO B 318 -17.43 5.98 12.51
CA PRO B 318 -16.64 5.35 11.44
C PRO B 318 -17.42 4.41 10.52
N TYR B 319 -18.70 4.08 10.80
CA TYR B 319 -19.41 3.14 9.91
C TYR B 319 -20.50 3.71 8.98
N SER B 320 -20.40 4.94 8.46
CA SER B 320 -21.34 5.38 7.36
C SER B 320 -20.67 6.03 6.15
#